data_1KCM
#
_entry.id   1KCM
#
_cell.length_a   50.464
_cell.length_b   50.464
_cell.length_c   216.105
_cell.angle_alpha   90.00
_cell.angle_beta   90.00
_cell.angle_gamma   120.00
#
_symmetry.space_group_name_H-M   'P 32 2 1'
#
loop_
_entity.id
_entity.type
_entity.pdbx_description
1 polymer 'Phosphatidylinositol Transfer Protein alpha'
2 water water
#
_entity_poly.entity_id   1
_entity_poly.type   'polypeptide(L)'
_entity_poly.pdbx_seq_one_letter_code
;VLLKEYRVILPVSVDEYQVGQLYSVAEASKNETGGGEGVEVLVNEPYEKDDGEKGQYTHKIYHLQSKVPTFVRMLAPEGA
LNIHEKAWNAYPYCRTVITNEYMKEDFLIKIETWHKPDLGTQENVHKLEPEAWKHVEAIYIDIADRSQVLSKDYKAEEDP
AKFKSVKTGRGPLGPNWKQELVNQKDCPYMCAYKLVTVKFKWWGLQNKVENFIHKQEKRLFTNFHRQLFCWLDKWVDLTM
DDIRRMEEETKRQLDEMRQKDPVKGMTADD
;
_entity_poly.pdbx_strand_id   A
#
# COMPACT_ATOMS: atom_id res chain seq x y z
N VAL A 1 -2.43 3.01 20.54
CA VAL A 1 -2.29 3.49 19.14
C VAL A 1 -0.89 3.98 18.85
N LEU A 2 -0.40 3.63 17.66
CA LEU A 2 0.94 3.96 17.27
C LEU A 2 0.92 4.53 15.87
N LEU A 3 1.45 5.75 15.70
CA LEU A 3 1.47 6.43 14.41
C LEU A 3 2.89 6.58 13.88
N LYS A 4 3.09 6.23 12.62
CA LYS A 4 4.38 6.46 11.98
C LYS A 4 4.10 6.81 10.52
N GLU A 5 4.96 7.63 9.95
CA GLU A 5 4.82 7.99 8.54
C GLU A 5 6.01 7.43 7.77
N TYR A 6 5.70 6.64 6.74
CA TYR A 6 6.72 6.04 5.91
C TYR A 6 6.82 6.86 4.63
N ARG A 7 7.98 7.41 4.36
CA ARG A 7 8.16 8.26 3.20
C ARG A 7 8.94 7.47 2.15
N VAL A 8 8.28 7.17 1.04
CA VAL A 8 8.89 6.35 0.00
C VAL A 8 9.17 7.17 -1.24
N ILE A 9 10.45 7.51 -1.44
CA ILE A 9 10.86 8.28 -2.62
C ILE A 9 11.01 7.30 -3.79
N LEU A 10 10.53 7.67 -4.96
CA LEU A 10 10.56 6.75 -6.13
C LEU A 10 10.86 7.47 -7.45
N PRO A 11 11.57 6.81 -8.35
CA PRO A 11 11.91 7.44 -9.64
C PRO A 11 10.77 7.26 -10.63
N VAL A 12 9.57 7.61 -10.23
CA VAL A 12 8.43 7.57 -11.14
C VAL A 12 7.61 8.84 -10.89
N SER A 13 6.72 9.16 -11.81
CA SER A 13 5.89 10.36 -11.62
C SER A 13 4.69 10.02 -10.76
N VAL A 14 4.02 11.03 -10.23
CA VAL A 14 2.80 10.81 -9.44
C VAL A 14 1.77 10.14 -10.34
N ASP A 15 1.69 10.58 -11.59
CA ASP A 15 0.73 9.99 -12.53
C ASP A 15 1.06 8.51 -12.82
N GLU A 16 2.32 8.22 -13.04
CA GLU A 16 2.73 6.84 -13.32
C GLU A 16 2.43 5.99 -12.09
N TYR A 17 2.76 6.49 -10.91
CA TYR A 17 2.54 5.73 -9.69
C TYR A 17 1.11 5.15 -9.56
N GLN A 18 0.09 5.94 -9.88
CA GLN A 18 -1.30 5.44 -9.74
C GLN A 18 -1.49 4.15 -10.51
N VAL A 19 -1.00 4.15 -11.75
CA VAL A 19 -1.08 2.96 -12.58
C VAL A 19 -0.20 1.83 -12.07
N GLY A 20 1.08 2.10 -11.79
CA GLY A 20 1.97 1.06 -11.29
C GLY A 20 1.48 0.39 -10.02
N GLN A 21 0.94 1.20 -9.13
CA GLN A 21 0.45 0.68 -7.87
C GLN A 21 -0.69 -0.32 -8.08
N LEU A 22 -1.69 0.09 -8.86
CA LEU A 22 -2.83 -0.78 -9.13
C LEU A 22 -2.41 -2.04 -9.88
N TYR A 23 -1.49 -1.89 -10.84
CA TYR A 23 -0.98 -3.04 -11.57
C TYR A 23 -0.25 -4.00 -10.62
N SER A 24 0.54 -3.44 -9.72
CA SER A 24 1.41 -4.27 -8.87
C SER A 24 0.60 -5.01 -7.82
N VAL A 25 -0.45 -4.37 -7.32
CA VAL A 25 -1.34 -5.05 -6.40
C VAL A 25 -1.82 -6.32 -7.09
N ALA A 26 -2.32 -6.20 -8.31
CA ALA A 26 -2.73 -7.40 -9.06
C ALA A 26 -1.61 -8.42 -9.30
N GLU A 27 -0.50 -8.00 -9.93
CA GLU A 27 0.57 -8.96 -10.23
C GLU A 27 1.27 -9.57 -9.02
N ALA A 28 1.39 -8.80 -7.94
CA ALA A 28 1.99 -9.35 -6.74
C ALA A 28 1.01 -10.38 -6.16
N SER A 29 -0.27 -10.22 -6.48
CA SER A 29 -1.31 -11.12 -5.96
C SER A 29 -1.74 -12.21 -6.94
N LYS A 30 -1.19 -12.21 -8.15
CA LYS A 30 -1.54 -13.27 -9.12
C LYS A 30 -1.46 -14.60 -8.39
N ASN A 31 -0.54 -14.63 -7.44
CA ASN A 31 -0.27 -15.77 -6.58
C ASN A 31 -1.52 -16.42 -5.94
N GLU A 32 -2.31 -15.62 -5.23
CA GLU A 32 -3.44 -16.10 -4.42
C GLU A 32 -4.36 -17.17 -5.04
N THR A 33 -4.77 -18.14 -4.22
CA THR A 33 -5.62 -19.22 -4.69
C THR A 33 -7.01 -18.70 -5.09
N GLY A 34 -7.85 -18.40 -4.11
CA GLY A 34 -9.18 -17.89 -4.41
C GLY A 34 -9.19 -16.38 -4.62
N GLY A 35 -8.06 -15.83 -5.07
CA GLY A 35 -7.88 -14.42 -5.37
C GLY A 35 -8.86 -13.38 -4.84
N GLY A 36 -9.99 -13.21 -5.54
CA GLY A 36 -10.98 -12.22 -5.16
C GLY A 36 -12.35 -12.82 -4.89
N GLU A 37 -12.40 -14.12 -4.60
CA GLU A 37 -13.67 -14.78 -4.26
C GLU A 37 -14.00 -14.55 -2.77
N GLY A 38 -15.28 -14.55 -2.45
CA GLY A 38 -15.71 -14.27 -1.08
C GLY A 38 -15.60 -12.79 -0.70
N VAL A 39 -15.50 -11.91 -1.69
CA VAL A 39 -15.42 -10.48 -1.40
C VAL A 39 -16.78 -9.81 -1.62
N GLU A 40 -17.42 -9.39 -0.54
CA GLU A 40 -18.70 -8.70 -0.61
C GLU A 40 -18.52 -7.18 -0.63
N VAL A 41 -19.02 -6.55 -1.69
CA VAL A 41 -18.98 -5.09 -1.78
C VAL A 41 -20.24 -4.52 -1.15
N LEU A 42 -20.12 -3.86 0.00
CA LEU A 42 -21.28 -3.28 0.64
C LEU A 42 -21.65 -1.92 0.01
N VAL A 43 -20.64 -1.10 -0.24
CA VAL A 43 -20.83 0.24 -0.78
C VAL A 43 -19.77 0.57 -1.85
N ASN A 44 -20.15 1.37 -2.82
CA ASN A 44 -19.25 1.81 -3.88
C ASN A 44 -19.88 3.03 -4.55
N GLU A 45 -19.51 4.23 -4.11
CA GLU A 45 -20.18 5.42 -4.62
C GLU A 45 -19.27 6.64 -4.47
N PRO A 46 -19.58 7.71 -5.20
CA PRO A 46 -18.80 8.95 -5.08
C PRO A 46 -19.06 9.56 -3.69
N TYR A 47 -18.10 10.33 -3.18
CA TYR A 47 -18.30 11.01 -1.91
C TYR A 47 -17.63 12.39 -1.92
N GLU A 48 -18.07 13.29 -1.05
CA GLU A 48 -17.32 14.51 -0.77
C GLU A 48 -17.49 14.84 0.70
N LYS A 49 -16.39 15.09 1.40
CA LYS A 49 -16.48 15.46 2.82
C LYS A 49 -16.67 16.98 2.93
N ASP A 50 -17.04 17.43 4.14
CA ASP A 50 -17.20 18.84 4.46
C ASP A 50 -15.92 19.63 4.18
N ASP A 51 -14.78 18.95 4.25
CA ASP A 51 -13.51 19.61 4.03
C ASP A 51 -13.07 19.65 2.56
N GLY A 52 -13.91 19.14 1.65
CA GLY A 52 -13.58 19.19 0.23
C GLY A 52 -12.94 17.92 -0.35
N GLU A 53 -12.53 17.00 0.51
CA GLU A 53 -11.92 15.76 0.02
C GLU A 53 -13.00 15.04 -0.79
N LYS A 54 -12.68 14.63 -2.01
CA LYS A 54 -13.69 14.02 -2.85
C LYS A 54 -13.11 12.88 -3.68
N GLY A 55 -13.94 11.87 -3.91
CA GLY A 55 -13.50 10.75 -4.72
C GLY A 55 -14.52 9.64 -4.71
N GLN A 56 -14.02 8.40 -4.69
CA GLN A 56 -14.89 7.24 -4.71
C GLN A 56 -14.63 6.48 -3.44
N TYR A 57 -15.70 6.12 -2.76
CA TYR A 57 -15.65 5.38 -1.51
C TYR A 57 -16.20 3.96 -1.66
N THR A 58 -15.48 2.98 -1.12
CA THR A 58 -15.97 1.60 -1.13
C THR A 58 -15.90 1.06 0.28
N HIS A 59 -16.78 0.11 0.55
CA HIS A 59 -16.78 -0.63 1.80
C HIS A 59 -16.98 -2.08 1.40
N LYS A 60 -16.01 -2.92 1.77
CA LYS A 60 -15.99 -4.34 1.41
C LYS A 60 -15.77 -5.23 2.63
N ILE A 61 -16.31 -6.45 2.58
CA ILE A 61 -15.94 -7.46 3.57
C ILE A 61 -15.24 -8.63 2.86
N TYR A 62 -14.03 -8.94 3.30
CA TYR A 62 -13.34 -10.14 2.81
C TYR A 62 -13.75 -11.26 3.74
N HIS A 63 -14.57 -12.17 3.24
CA HIS A 63 -15.04 -13.32 3.99
C HIS A 63 -14.01 -14.45 3.81
N LEU A 64 -13.29 -14.78 4.87
CA LEU A 64 -12.24 -15.79 4.75
C LEU A 64 -12.71 -17.22 5.03
N GLN A 65 -13.97 -17.39 5.42
CA GLN A 65 -14.54 -18.69 5.79
C GLN A 65 -14.22 -19.87 4.87
N SER A 66 -14.45 -19.69 3.58
CA SER A 66 -14.35 -20.79 2.62
C SER A 66 -12.97 -21.02 2.06
N LYS A 67 -12.01 -20.18 2.46
CA LYS A 67 -10.66 -20.31 1.96
C LYS A 67 -9.76 -21.07 2.91
N VAL A 68 -10.30 -21.46 4.05
CA VAL A 68 -9.54 -22.24 5.01
C VAL A 68 -10.25 -23.56 5.20
N PRO A 69 -9.50 -24.57 5.62
CA PRO A 69 -10.06 -25.88 5.93
C PRO A 69 -11.15 -25.78 6.99
N THR A 70 -12.11 -26.70 6.90
CA THR A 70 -13.23 -26.77 7.79
C THR A 70 -12.79 -26.79 9.24
N PHE A 71 -11.76 -27.58 9.54
CA PHE A 71 -11.36 -27.70 10.93
C PHE A 71 -10.83 -26.36 11.46
N VAL A 72 -10.21 -25.56 10.60
CA VAL A 72 -9.80 -24.22 11.01
C VAL A 72 -10.99 -23.28 10.80
N ARG A 73 -11.72 -23.47 9.70
CA ARG A 73 -12.88 -22.65 9.37
C ARG A 73 -13.90 -22.69 10.46
N MET A 74 -13.99 -23.84 11.13
CA MET A 74 -14.83 -23.89 12.30
C MET A 74 -14.03 -23.04 13.27
N LEU A 75 -13.49 -23.69 14.30
CA LEU A 75 -12.62 -23.09 15.31
C LEU A 75 -12.58 -21.57 15.53
N ALA A 76 -12.49 -20.77 14.46
CA ALA A 76 -12.42 -19.33 14.63
C ALA A 76 -13.59 -18.79 15.43
N PRO A 77 -13.31 -17.81 16.28
CA PRO A 77 -14.37 -17.14 17.06
C PRO A 77 -15.29 -16.38 16.09
N GLU A 78 -16.57 -16.24 16.44
CA GLU A 78 -17.52 -15.54 15.57
C GLU A 78 -17.01 -14.20 15.05
N GLY A 79 -17.03 -14.01 13.73
CA GLY A 79 -16.60 -12.75 13.16
C GLY A 79 -15.10 -12.58 12.87
N ALA A 80 -14.28 -13.50 13.38
CA ALA A 80 -12.83 -13.37 13.21
C ALA A 80 -12.40 -13.50 11.76
N LEU A 81 -13.22 -14.18 10.96
CA LEU A 81 -12.89 -14.37 9.56
C LEU A 81 -13.60 -13.38 8.63
N ASN A 82 -14.17 -12.32 9.18
CA ASN A 82 -14.77 -11.28 8.36
C ASN A 82 -13.95 -10.01 8.52
N ILE A 83 -13.15 -9.69 7.50
CA ILE A 83 -12.32 -8.49 7.56
C ILE A 83 -12.96 -7.40 6.73
N HIS A 84 -13.20 -6.24 7.34
CA HIS A 84 -13.76 -5.09 6.63
C HIS A 84 -12.70 -4.15 6.08
N GLU A 85 -12.93 -3.66 4.87
CA GLU A 85 -12.02 -2.69 4.31
C GLU A 85 -12.79 -1.51 3.76
N LYS A 86 -12.50 -0.34 4.31
CA LYS A 86 -13.10 0.90 3.80
C LYS A 86 -11.99 1.62 3.10
N ALA A 87 -12.29 2.14 1.91
CA ALA A 87 -11.29 2.82 1.11
C ALA A 87 -11.87 4.08 0.50
N TRP A 88 -11.11 5.16 0.60
CA TRP A 88 -11.48 6.42 -0.01
C TRP A 88 -10.41 6.69 -1.10
N ASN A 89 -10.82 6.66 -2.38
CA ASN A 89 -9.90 6.91 -3.52
C ASN A 89 -10.08 8.30 -4.04
N ALA A 90 -9.13 9.14 -3.68
CA ALA A 90 -9.11 10.54 -4.07
C ALA A 90 -7.74 10.82 -4.65
N TYR A 91 -7.19 9.88 -5.43
CA TYR A 91 -5.80 10.00 -5.90
C TYR A 91 -5.54 11.42 -6.43
N PRO A 92 -4.46 12.10 -6.06
CA PRO A 92 -3.29 11.57 -5.30
C PRO A 92 -3.37 11.43 -3.77
N TYR A 93 -4.57 11.54 -3.18
CA TYR A 93 -4.77 11.22 -1.77
C TYR A 93 -5.53 9.91 -1.69
N CYS A 94 -5.12 9.01 -0.78
CA CYS A 94 -5.81 7.72 -0.58
C CYS A 94 -5.91 7.37 0.91
N ARG A 95 -7.01 6.73 1.30
CA ARG A 95 -7.17 6.27 2.68
C ARG A 95 -7.74 4.88 2.67
N THR A 96 -7.18 4.01 3.51
CA THR A 96 -7.78 2.70 3.71
C THR A 96 -7.88 2.44 5.19
N VAL A 97 -8.96 1.77 5.61
CA VAL A 97 -9.17 1.42 7.02
C VAL A 97 -9.54 -0.05 7.09
N ILE A 98 -8.70 -0.84 7.76
CA ILE A 98 -8.96 -2.26 7.95
C ILE A 98 -9.38 -2.61 9.37
N THR A 99 -10.48 -3.35 9.52
CA THR A 99 -10.96 -3.78 10.84
C THR A 99 -11.45 -5.23 10.75
N ASN A 100 -11.83 -5.79 11.89
CA ASN A 100 -12.22 -7.20 11.98
C ASN A 100 -13.46 -7.32 12.87
N GLU A 101 -14.44 -8.12 12.47
CA GLU A 101 -15.68 -8.20 13.25
C GLU A 101 -15.49 -8.73 14.68
N TYR A 102 -14.61 -9.69 14.86
CA TYR A 102 -14.38 -10.25 16.20
C TYR A 102 -13.70 -9.24 17.13
N MET A 103 -12.73 -8.51 16.60
CA MET A 103 -12.00 -7.54 17.40
C MET A 103 -12.81 -6.27 17.67
N LYS A 104 -13.86 -6.06 16.89
CA LYS A 104 -14.71 -4.88 17.05
C LYS A 104 -13.88 -3.59 17.07
N GLU A 105 -14.02 -2.78 18.12
CA GLU A 105 -13.32 -1.49 18.14
C GLU A 105 -11.88 -1.58 18.69
N ASP A 106 -11.43 -2.78 19.04
CA ASP A 106 -10.09 -2.95 19.63
C ASP A 106 -8.97 -3.08 18.60
N PHE A 107 -9.31 -3.18 17.32
CA PHE A 107 -8.28 -3.34 16.27
C PHE A 107 -8.51 -2.42 15.08
N LEU A 108 -7.46 -1.76 14.62
CA LEU A 108 -7.55 -0.94 13.42
C LEU A 108 -6.19 -0.74 12.77
N ILE A 109 -6.18 -0.77 11.44
CA ILE A 109 -5.01 -0.35 10.67
C ILE A 109 -5.53 0.68 9.69
N LYS A 110 -5.08 1.90 9.83
CA LYS A 110 -5.48 2.96 8.90
C LYS A 110 -4.24 3.45 8.16
N ILE A 111 -4.35 3.56 6.84
CA ILE A 111 -3.22 4.07 6.05
C ILE A 111 -3.73 5.23 5.20
N GLU A 112 -3.15 6.40 5.43
CA GLU A 112 -3.49 7.61 4.70
C GLU A 112 -2.25 8.10 3.97
N THR A 113 -2.40 8.28 2.67
CA THR A 113 -1.22 8.58 1.86
C THR A 113 -1.41 9.78 0.94
N TRP A 114 -0.40 10.64 0.91
CA TRP A 114 -0.31 11.70 -0.10
C TRP A 114 0.83 11.33 -1.08
N HIS A 115 0.52 11.37 -2.36
CA HIS A 115 1.50 11.11 -3.40
C HIS A 115 1.87 12.47 -4.02
N LYS A 116 3.12 12.89 -3.83
CA LYS A 116 3.58 14.22 -4.21
C LYS A 116 4.81 14.20 -5.10
N PRO A 117 4.88 15.20 -5.98
CA PRO A 117 6.01 15.30 -6.91
C PRO A 117 7.17 15.98 -6.19
N ASP A 118 7.72 15.37 -5.14
CA ASP A 118 8.86 15.96 -4.41
C ASP A 118 9.74 14.87 -3.85
N LEU A 119 10.81 15.27 -3.15
CA LEU A 119 11.72 14.29 -2.58
C LEU A 119 11.52 14.05 -1.09
N GLY A 120 10.27 13.97 -0.63
CA GLY A 120 10.03 13.66 0.76
C GLY A 120 10.42 14.75 1.75
N THR A 121 10.48 15.99 1.27
CA THR A 121 10.87 17.14 2.09
C THR A 121 9.73 17.80 2.88
N GLN A 122 8.50 17.35 2.69
CA GLN A 122 7.40 18.00 3.42
C GLN A 122 7.24 17.43 4.83
N GLU A 123 7.21 18.31 5.83
CA GLU A 123 6.97 17.89 7.20
C GLU A 123 5.47 18.14 7.46
N ASN A 124 4.79 17.18 8.06
CA ASN A 124 3.35 17.29 8.32
C ASN A 124 2.51 17.54 7.08
N VAL A 125 2.74 16.73 6.04
CA VAL A 125 1.96 16.84 4.84
C VAL A 125 0.49 16.46 5.11
N HIS A 126 0.25 15.61 6.10
CA HIS A 126 -1.12 15.22 6.44
C HIS A 126 -1.86 16.24 7.31
N LYS A 127 -1.16 17.32 7.66
CA LYS A 127 -1.74 18.44 8.43
C LYS A 127 -2.30 18.02 9.78
N LEU A 128 -1.55 17.20 10.50
CA LEU A 128 -1.96 16.79 11.83
C LEU A 128 -1.83 18.00 12.77
N GLU A 129 -2.68 18.06 13.80
CA GLU A 129 -2.58 19.10 14.81
C GLU A 129 -1.19 18.91 15.43
N PRO A 130 -0.55 20.00 15.83
CA PRO A 130 0.84 19.96 16.29
C PRO A 130 1.18 18.92 17.36
N GLU A 131 0.29 18.69 18.31
CA GLU A 131 0.59 17.76 19.39
C GLU A 131 0.59 16.31 18.90
N ALA A 132 -0.32 16.00 17.99
CA ALA A 132 -0.40 14.67 17.43
C ALA A 132 0.80 14.42 16.52
N TRP A 133 1.18 15.43 15.75
CA TRP A 133 2.33 15.30 14.86
C TRP A 133 3.61 14.99 15.64
N LYS A 134 3.68 15.44 16.89
CA LYS A 134 4.91 15.22 17.67
C LYS A 134 5.08 13.75 18.05
N HIS A 135 3.99 13.00 18.01
CA HIS A 135 4.07 11.58 18.34
C HIS A 135 4.32 10.71 17.11
N VAL A 136 4.50 11.31 15.94
CA VAL A 136 4.69 10.51 14.72
C VAL A 136 6.15 10.32 14.37
N GLU A 137 6.61 9.07 14.29
CA GLU A 137 7.98 8.83 13.87
C GLU A 137 8.00 8.83 12.34
N ALA A 138 8.92 9.59 11.76
CA ALA A 138 9.00 9.66 10.30
C ALA A 138 10.10 8.69 9.89
N ILE A 139 9.80 7.84 8.92
CA ILE A 139 10.72 6.81 8.49
C ILE A 139 10.87 6.79 6.97
N TYR A 140 12.10 6.89 6.48
CA TYR A 140 12.34 6.85 5.04
C TYR A 140 12.68 5.44 4.60
N ILE A 141 11.99 4.97 3.56
CA ILE A 141 12.26 3.67 2.98
C ILE A 141 13.03 3.94 1.67
N ASP A 142 14.14 3.25 1.49
CA ASP A 142 15.01 3.42 0.31
C ASP A 142 14.95 2.09 -0.44
N ILE A 143 14.30 2.09 -1.60
CA ILE A 143 14.11 0.85 -2.35
C ILE A 143 15.39 0.30 -2.96
N ALA A 144 16.46 1.08 -2.96
CA ALA A 144 17.72 0.56 -3.51
C ALA A 144 18.68 -0.03 -2.46
N ASP A 145 18.35 0.12 -1.18
CA ASP A 145 19.20 -0.30 -0.08
C ASP A 145 18.94 -1.76 0.37
N ARG A 146 19.89 -2.64 0.05
CA ARG A 146 19.81 -4.06 0.37
C ARG A 146 19.69 -4.29 1.88
N SER A 147 20.26 -3.39 2.69
CA SER A 147 20.21 -3.57 4.14
C SER A 147 18.79 -3.36 4.73
N GLN A 148 17.87 -2.87 3.91
CA GLN A 148 16.50 -2.66 4.38
C GLN A 148 15.60 -3.85 4.05
N VAL A 149 16.19 -4.85 3.41
CA VAL A 149 15.46 -6.06 3.00
C VAL A 149 15.82 -7.24 3.88
N LEU A 150 14.83 -8.06 4.24
CA LEU A 150 15.11 -9.27 5.04
C LEU A 150 15.69 -10.30 4.10
N SER A 151 16.71 -11.03 4.54
CA SER A 151 17.36 -12.01 3.67
C SER A 151 16.35 -13.00 3.08
N LYS A 152 15.38 -13.41 3.88
CA LYS A 152 14.39 -14.35 3.39
C LYS A 152 13.47 -13.76 2.33
N ASP A 153 13.42 -12.44 2.26
CA ASP A 153 12.56 -11.76 1.29
C ASP A 153 13.29 -11.47 -0.03
N TYR A 154 14.63 -11.49 0.01
CA TYR A 154 15.41 -11.05 -1.15
C TYR A 154 15.28 -11.86 -2.45
N LYS A 155 15.11 -11.14 -3.55
CA LYS A 155 15.08 -11.78 -4.87
C LYS A 155 15.81 -10.87 -5.82
N ALA A 156 16.82 -11.44 -6.49
CA ALA A 156 17.60 -10.68 -7.46
C ALA A 156 16.71 -10.00 -8.49
N GLU A 157 15.65 -10.66 -8.91
CA GLU A 157 14.79 -10.11 -9.94
C GLU A 157 13.88 -8.97 -9.48
N GLU A 158 13.85 -8.74 -8.16
CA GLU A 158 13.04 -7.66 -7.61
C GLU A 158 13.94 -6.67 -6.88
N ASP A 159 15.19 -6.57 -7.32
CA ASP A 159 16.19 -5.69 -6.69
C ASP A 159 16.48 -4.44 -7.55
N PRO A 160 16.00 -3.27 -7.16
CA PRO A 160 16.22 -2.05 -7.94
C PRO A 160 17.70 -1.76 -8.18
N ALA A 161 18.59 -2.23 -7.30
CA ALA A 161 20.03 -1.98 -7.50
C ALA A 161 20.59 -2.76 -8.67
N LYS A 162 19.81 -3.69 -9.22
CA LYS A 162 20.25 -4.52 -10.33
C LYS A 162 19.42 -4.39 -11.61
N PHE A 163 18.31 -3.67 -11.52
CA PHE A 163 17.37 -3.58 -12.64
C PHE A 163 17.51 -2.29 -13.44
N LYS A 164 17.51 -2.42 -14.76
CA LYS A 164 17.46 -1.29 -15.68
C LYS A 164 16.27 -1.51 -16.61
N SER A 165 15.40 -0.51 -16.70
CA SER A 165 14.21 -0.58 -17.54
C SER A 165 14.51 -0.52 -19.03
N VAL A 166 14.01 -1.51 -19.76
CA VAL A 166 14.20 -1.50 -21.21
C VAL A 166 13.44 -0.34 -21.87
N LYS A 167 12.23 -0.09 -21.41
CA LYS A 167 11.41 0.93 -22.06
C LYS A 167 11.76 2.37 -21.71
N THR A 168 12.32 2.60 -20.53
CA THR A 168 12.62 3.98 -20.12
C THR A 168 14.08 4.26 -19.87
N GLY A 169 14.88 3.23 -19.66
CA GLY A 169 16.29 3.42 -19.33
C GLY A 169 16.54 3.72 -17.84
N ARG A 170 15.48 3.81 -17.03
CA ARG A 170 15.67 4.08 -15.61
C ARG A 170 16.37 2.95 -14.87
N GLY A 171 17.19 3.28 -13.89
CA GLY A 171 17.94 2.27 -13.13
C GLY A 171 19.21 1.86 -13.89
N PRO A 172 20.06 1.05 -13.26
CA PRO A 172 19.81 0.54 -11.90
C PRO A 172 20.02 1.62 -10.85
N LEU A 173 19.48 1.41 -9.67
CA LEU A 173 19.58 2.44 -8.66
C LEU A 173 20.79 2.21 -7.75
N GLY A 174 21.84 3.01 -7.91
CA GLY A 174 23.03 2.95 -7.08
C GLY A 174 22.88 3.73 -5.77
N PRO A 175 23.91 3.68 -4.91
CA PRO A 175 23.84 4.25 -3.56
C PRO A 175 23.48 5.75 -3.51
N ASN A 176 23.90 6.52 -4.50
CA ASN A 176 23.54 7.92 -4.50
C ASN A 176 22.40 8.30 -5.43
N TRP A 177 21.52 7.35 -5.73
CA TRP A 177 20.47 7.63 -6.72
C TRP A 177 19.54 8.78 -6.34
N LYS A 178 19.16 8.86 -5.07
CA LYS A 178 18.22 9.90 -4.64
C LYS A 178 18.82 11.28 -4.80
N GLN A 179 20.10 11.42 -4.47
CA GLN A 179 20.81 12.69 -4.57
C GLN A 179 20.96 13.19 -6.00
N GLU A 180 20.92 12.29 -6.98
CA GLU A 180 21.01 12.74 -8.36
C GLU A 180 19.65 12.75 -9.07
N LEU A 181 18.60 12.35 -8.37
CA LEU A 181 17.29 12.26 -8.99
C LEU A 181 16.82 13.59 -9.60
N VAL A 182 16.87 14.66 -8.81
CA VAL A 182 16.34 15.95 -9.25
C VAL A 182 16.87 16.48 -10.60
N ASN A 183 18.18 16.46 -10.80
CA ASN A 183 18.78 17.02 -12.02
C ASN A 183 19.08 16.00 -13.12
N GLN A 184 18.77 14.74 -12.85
CA GLN A 184 19.02 13.69 -13.83
C GLN A 184 18.08 13.79 -15.03
N LYS A 185 18.65 13.76 -16.23
CA LYS A 185 17.87 13.87 -17.46
C LYS A 185 16.84 12.75 -17.58
N ASP A 186 15.61 13.15 -17.88
CA ASP A 186 14.52 12.22 -18.09
C ASP A 186 14.04 11.38 -16.91
N CYS A 187 14.42 11.70 -15.69
CA CYS A 187 13.88 10.90 -14.59
C CYS A 187 12.90 11.67 -13.71
N PRO A 188 11.66 11.22 -13.69
CA PRO A 188 10.65 11.86 -12.85
C PRO A 188 10.85 11.38 -11.43
N TYR A 189 10.26 12.05 -10.46
CA TYR A 189 10.35 11.61 -9.07
C TYR A 189 9.08 11.95 -8.26
N MET A 190 8.88 11.21 -7.18
CA MET A 190 7.73 11.45 -6.32
C MET A 190 8.03 10.83 -4.97
N CYS A 191 7.16 11.13 -4.00
CA CYS A 191 7.26 10.51 -2.69
C CYS A 191 5.85 10.17 -2.21
N ALA A 192 5.69 8.93 -1.76
CA ALA A 192 4.44 8.51 -1.15
C ALA A 192 4.60 8.70 0.36
N TYR A 193 3.82 9.61 0.94
CA TYR A 193 3.86 9.86 2.38
C TYR A 193 2.75 9.02 3.03
N LYS A 194 3.12 7.84 3.50
CA LYS A 194 2.16 6.89 4.03
C LYS A 194 2.09 6.95 5.57
N LEU A 195 1.06 7.64 6.04
CA LEU A 195 0.81 7.80 7.48
C LEU A 195 -0.02 6.61 7.96
N VAL A 196 0.59 5.79 8.80
CA VAL A 196 -0.02 4.54 9.24
C VAL A 196 -0.32 4.59 10.72
N THR A 197 -1.60 4.34 11.03
CA THR A 197 -2.14 4.36 12.39
C THR A 197 -2.52 2.92 12.74
N VAL A 198 -1.94 2.41 13.80
CA VAL A 198 -2.21 1.04 14.23
C VAL A 198 -2.74 1.02 15.67
N LYS A 199 -3.90 0.41 15.83
CA LYS A 199 -4.45 0.18 17.15
C LYS A 199 -4.70 -1.32 17.35
N PHE A 200 -4.12 -1.88 18.40
CA PHE A 200 -4.41 -3.27 18.78
C PHE A 200 -4.51 -3.34 20.31
N LYS A 201 -5.70 -3.14 20.84
CA LYS A 201 -5.84 -3.14 22.29
C LYS A 201 -5.94 -4.59 22.78
N TRP A 202 -5.22 -4.90 23.85
CA TRP A 202 -5.30 -6.27 24.33
C TRP A 202 -5.07 -6.47 25.84
N TRP A 203 -3.90 -6.08 26.34
CA TRP A 203 -3.64 -6.22 27.80
C TRP A 203 -2.18 -6.05 28.15
N GLY A 204 -1.44 -7.13 28.09
CA GLY A 204 -0.02 -7.07 28.35
C GLY A 204 0.75 -7.15 27.04
N LEU A 205 0.05 -6.89 25.93
CA LEU A 205 0.66 -7.05 24.61
C LEU A 205 0.49 -5.87 23.64
N GLN A 206 -0.33 -4.89 24.00
CA GLN A 206 -0.63 -3.79 23.08
C GLN A 206 0.61 -3.16 22.42
N ASN A 207 1.56 -2.75 23.23
CA ASN A 207 2.75 -2.11 22.70
C ASN A 207 3.48 -3.04 21.76
N LYS A 208 3.65 -4.30 22.17
CA LYS A 208 4.39 -5.27 21.37
C LYS A 208 3.70 -5.57 20.05
N VAL A 209 2.38 -5.70 20.10
CA VAL A 209 1.63 -5.98 18.87
C VAL A 209 1.57 -4.79 17.91
N GLU A 210 1.32 -3.59 18.44
CA GLU A 210 1.27 -2.43 17.57
C GLU A 210 2.64 -2.20 16.91
N ASN A 211 3.72 -2.40 17.65
CA ASN A 211 5.06 -2.27 17.05
C ASN A 211 5.33 -3.36 16.01
N PHE A 212 4.90 -4.60 16.28
CA PHE A 212 5.02 -5.71 15.32
C PHE A 212 4.25 -5.43 14.02
N ILE A 213 3.05 -4.88 14.13
CA ILE A 213 2.28 -4.63 12.92
C ILE A 213 3.01 -3.55 12.11
N HIS A 214 3.48 -2.51 12.78
CA HIS A 214 4.25 -1.47 12.10
C HIS A 214 5.47 -2.06 11.37
N LYS A 215 6.19 -2.96 12.02
CA LYS A 215 7.33 -3.59 11.35
C LYS A 215 6.88 -4.36 10.08
N GLN A 216 5.74 -5.04 10.17
CA GLN A 216 5.22 -5.76 9.01
C GLN A 216 4.79 -4.81 7.88
N GLU A 217 4.26 -3.63 8.22
CA GLU A 217 3.86 -2.67 7.19
C GLU A 217 5.10 -2.12 6.51
N LYS A 218 6.10 -1.79 7.31
CA LYS A 218 7.35 -1.29 6.75
C LYS A 218 7.94 -2.30 5.77
N ARG A 219 7.95 -3.57 6.17
CA ARG A 219 8.45 -4.66 5.34
C ARG A 219 7.66 -4.74 4.02
N LEU A 220 6.33 -4.77 4.13
CA LEU A 220 5.44 -4.78 2.97
C LEU A 220 5.68 -3.59 2.03
N PHE A 221 5.77 -2.38 2.58
CA PHE A 221 6.01 -1.20 1.75
C PHE A 221 7.40 -1.29 1.05
N THR A 222 8.36 -1.87 1.74
CA THR A 222 9.69 -2.00 1.17
C THR A 222 9.68 -3.00 0.00
N ASN A 223 9.19 -4.22 0.27
CA ASN A 223 9.08 -5.21 -0.80
C ASN A 223 8.21 -4.78 -1.96
N PHE A 224 7.07 -4.19 -1.64
CA PHE A 224 6.10 -3.82 -2.67
C PHE A 224 6.70 -2.78 -3.63
N HIS A 225 7.33 -1.76 -3.09
CA HIS A 225 7.87 -0.71 -3.96
C HIS A 225 9.14 -1.15 -4.71
N ARG A 226 9.88 -2.11 -4.16
CA ARG A 226 11.03 -2.67 -4.87
C ARG A 226 10.48 -3.39 -6.09
N GLN A 227 9.38 -4.12 -5.91
CA GLN A 227 8.71 -4.83 -6.99
C GLN A 227 8.14 -3.88 -8.03
N LEU A 228 7.45 -2.84 -7.53
CA LEU A 228 6.81 -1.89 -8.43
C LEU A 228 7.82 -1.30 -9.43
N PHE A 229 9.00 -0.93 -8.93
CA PHE A 229 10.06 -0.39 -9.80
C PHE A 229 10.58 -1.46 -10.78
N CYS A 230 10.84 -2.65 -10.27
CA CYS A 230 11.39 -3.72 -11.12
C CYS A 230 10.39 -4.25 -12.14
N TRP A 231 9.12 -3.91 -11.97
CA TRP A 231 8.07 -4.27 -12.94
C TRP A 231 7.75 -3.12 -13.89
N LEU A 232 8.59 -2.08 -13.85
CA LEU A 232 8.37 -0.89 -14.68
C LEU A 232 8.03 -1.18 -16.14
N ASP A 233 8.75 -2.11 -16.78
CA ASP A 233 8.47 -2.38 -18.19
C ASP A 233 7.10 -3.02 -18.41
N LYS A 234 6.56 -3.66 -17.38
CA LYS A 234 5.27 -4.32 -17.52
C LYS A 234 4.12 -3.33 -17.49
N TRP A 235 4.28 -2.22 -16.78
CA TRP A 235 3.15 -1.33 -16.61
C TRP A 235 3.33 0.09 -17.13
N VAL A 236 4.55 0.50 -17.48
CA VAL A 236 4.74 1.92 -17.78
C VAL A 236 3.86 2.47 -18.89
N ASP A 237 3.52 1.62 -19.84
CA ASP A 237 2.70 2.04 -20.98
C ASP A 237 1.21 1.93 -20.77
N LEU A 238 0.79 1.35 -19.64
CA LEU A 238 -0.63 1.20 -19.34
C LEU A 238 -1.21 2.53 -18.93
N THR A 239 -2.48 2.78 -19.27
CA THR A 239 -3.16 3.98 -18.79
C THR A 239 -4.15 3.54 -17.72
N MET A 240 -4.78 4.50 -17.05
CA MET A 240 -5.81 4.15 -16.08
C MET A 240 -7.00 3.50 -16.79
N ASP A 241 -7.26 3.91 -18.04
CA ASP A 241 -8.33 3.30 -18.79
C ASP A 241 -8.03 1.80 -18.93
N ASP A 242 -6.78 1.45 -19.17
CA ASP A 242 -6.37 0.04 -19.29
C ASP A 242 -6.63 -0.68 -17.96
N ILE A 243 -6.19 -0.06 -16.88
CA ILE A 243 -6.41 -0.63 -15.55
C ILE A 243 -7.89 -0.89 -15.31
N ARG A 244 -8.75 0.09 -15.58
CA ARG A 244 -10.19 -0.11 -15.42
C ARG A 244 -10.69 -1.30 -16.24
N ARG A 245 -10.35 -1.31 -17.52
CA ARG A 245 -10.78 -2.40 -18.37
C ARG A 245 -10.36 -3.73 -17.75
N MET A 246 -9.13 -3.77 -17.23
CA MET A 246 -8.60 -5.01 -16.68
C MET A 246 -9.36 -5.45 -15.44
N GLU A 247 -9.68 -4.53 -14.54
CA GLU A 247 -10.44 -4.94 -13.35
C GLU A 247 -11.84 -5.45 -13.73
N GLU A 248 -12.55 -4.72 -14.59
CA GLU A 248 -13.90 -5.15 -14.97
C GLU A 248 -13.83 -6.54 -15.58
N GLU A 249 -12.75 -6.76 -16.34
CA GLU A 249 -12.45 -8.03 -16.97
C GLU A 249 -12.30 -9.15 -15.94
N THR A 250 -11.53 -8.89 -14.87
CA THR A 250 -11.39 -9.91 -13.84
C THR A 250 -12.72 -10.05 -13.09
N LYS A 251 -13.41 -8.93 -12.91
CA LYS A 251 -14.74 -8.95 -12.27
C LYS A 251 -15.73 -9.80 -13.06
N ARG A 252 -15.68 -9.73 -14.39
CA ARG A 252 -16.57 -10.55 -15.21
C ARG A 252 -16.30 -12.03 -14.97
N GLN A 253 -15.05 -12.34 -14.59
CA GLN A 253 -14.74 -13.72 -14.21
C GLN A 253 -15.34 -13.95 -12.81
N LEU A 254 -16.54 -13.42 -12.63
CA LEU A 254 -17.38 -13.60 -11.45
C LEU A 254 -18.44 -14.56 -11.95
N ASP A 255 -18.05 -15.29 -12.99
CA ASP A 255 -18.89 -16.29 -13.60
C ASP A 255 -19.00 -17.47 -12.64
N GLU A 256 -18.08 -17.49 -11.68
CA GLU A 256 -18.05 -18.49 -10.61
C GLU A 256 -18.72 -19.81 -10.97
#